data_6HDL
#
_entry.id   6HDL
#
_cell.length_a   37.550
_cell.length_b   54.300
_cell.length_c   104.200
_cell.angle_alpha   90.00
_cell.angle_beta   90.00
_cell.angle_gamma   90.00
#
_symmetry.space_group_name_H-M   'P 21 21 21'
#
loop_
_entity.id
_entity.type
_entity.pdbx_description
1 polymer Beta-phosphoglucomutase
2 non-polymer 6-O-phosphono-beta-D-glucopyranose
3 non-polymer 'MAGNESIUM ION'
4 non-polymer TRIFLUOROMAGNESATE
5 non-polymer 1,2-ETHANEDIOL
6 non-polymer 'SODIUM ION'
7 water water
#
_entity_poly.entity_id   1
_entity_poly.type   'polypeptide(L)'
_entity_poly.pdbx_seq_one_letter_code
;MFKAVLFDLDGVITDTAEYHFRAWKALAEEIGINGVDRQFNEQLKGVSKEDSLQKILDLADKKVSAEEFKELAKRKNDNY
VKMIQDVSPADVYPGILQLLKDLRSNKIKIALASASKNGPFLLERMNLTGYFDAIADPAEVAASKPAPDIFIAAAHAVGV
APSESIGLEDSQAGIQAIKDSGALPIGVGRPEDLGDDIVIVPDTSHYTLEFLKEVWLQKQK
;
_entity_poly.pdbx_strand_id   A
#
loop_
_chem_comp.id
_chem_comp.type
_chem_comp.name
_chem_comp.formula
BG6 D-saccharide, beta linking 6-O-phosphono-beta-D-glucopyranose 'C6 H13 O9 P'
EDO non-polymer 1,2-ETHANEDIOL 'C2 H6 O2'
MG non-polymer 'MAGNESIUM ION' 'Mg 2'
MGF non-polymer TRIFLUOROMAGNESATE 'F3 Mg -1'
NA non-polymer 'SODIUM ION' 'Na 1'
#
# COMPACT_ATOMS: atom_id res chain seq x y z
N MET A 1 3.51 5.50 -24.27
CA MET A 1 4.09 5.80 -22.91
CA MET A 1 4.06 5.90 -22.95
C MET A 1 2.94 5.85 -21.90
N PHE A 2 3.27 5.41 -20.69
CA PHE A 2 2.29 5.46 -19.60
C PHE A 2 1.98 6.92 -19.27
N LYS A 3 0.75 7.12 -18.76
CA LYS A 3 0.21 8.44 -18.45
C LYS A 3 -0.04 8.66 -16.95
N ALA A 4 0.07 7.60 -16.13
CA ALA A 4 -0.10 7.74 -14.68
C ALA A 4 0.75 6.70 -13.96
N VAL A 5 1.10 7.05 -12.72
CA VAL A 5 1.67 6.11 -11.78
C VAL A 5 0.77 6.12 -10.55
N LEU A 6 0.42 4.88 -10.15
CA LEU A 6 -0.51 4.63 -9.04
C LEU A 6 0.33 4.05 -7.89
N PHE A 7 0.49 4.84 -6.84
CA PHE A 7 1.38 4.48 -5.72
C PHE A 7 0.61 3.85 -4.57
N ASP A 8 1.04 2.65 -4.19
CA ASP A 8 0.82 2.22 -2.82
C ASP A 8 1.63 3.15 -1.90
N LEU A 9 1.27 3.21 -0.60
CA LEU A 9 2.01 4.02 0.36
C LEU A 9 2.90 3.12 1.23
N ASP A 10 2.30 2.30 2.09
CA ASP A 10 3.06 1.59 3.10
C ASP A 10 3.98 0.56 2.47
N GLY A 11 5.27 0.72 2.71
CA GLY A 11 6.29 -0.15 2.11
C GLY A 11 6.75 0.27 0.72
N VAL A 12 6.20 1.36 0.18
CA VAL A 12 6.58 1.88 -1.14
C VAL A 12 7.12 3.31 -0.99
N ILE A 13 6.32 4.18 -0.37
CA ILE A 13 6.72 5.56 -0.14
C ILE A 13 7.60 5.69 1.11
N THR A 14 7.30 4.87 2.13
CA THR A 14 8.03 4.92 3.38
C THR A 14 7.87 3.58 4.09
N ASP A 15 8.64 3.40 5.16
CA ASP A 15 8.73 2.11 5.89
C ASP A 15 7.61 1.90 6.91
N THR A 16 6.38 2.26 6.57
CA THR A 16 5.26 2.11 7.48
C THR A 16 4.68 0.70 7.44
N ALA A 17 5.01 -0.12 6.44
CA ALA A 17 4.63 -1.55 6.52
C ALA A 17 5.25 -2.17 7.78
N GLU A 18 6.46 -1.76 8.16
CA GLU A 18 7.07 -2.27 9.37
C GLU A 18 6.22 -1.91 10.60
N TYR A 19 5.69 -0.69 10.64
CA TYR A 19 4.91 -0.25 11.79
C TYR A 19 3.54 -0.94 11.83
N HIS A 20 2.89 -1.14 10.68
CA HIS A 20 1.65 -1.92 10.66
C HIS A 20 1.92 -3.34 11.21
N PHE A 21 3.00 -3.95 10.75
CA PHE A 21 3.37 -5.28 11.24
C PHE A 21 3.55 -5.28 12.76
N ARG A 22 4.35 -4.35 13.29
CA ARG A 22 4.62 -4.35 14.72
C ARG A 22 3.31 -4.15 15.51
N ALA A 23 2.44 -3.26 15.02
CA ALA A 23 1.19 -2.96 15.71
C ALA A 23 0.26 -4.18 15.64
N TRP A 24 0.16 -4.84 14.49
CA TRP A 24 -0.72 -6.02 14.41
C TRP A 24 -0.18 -7.16 15.26
N LYS A 25 1.15 -7.35 15.28
CA LYS A 25 1.72 -8.41 16.08
C LYS A 25 1.43 -8.15 17.55
N ALA A 26 1.59 -6.90 18.00
CA ALA A 26 1.30 -6.57 19.39
C ALA A 26 -0.16 -6.88 19.74
N LEU A 27 -1.07 -6.51 18.85
CA LEU A 27 -2.48 -6.75 19.09
CA LEU A 27 -2.51 -6.75 19.03
C LEU A 27 -2.75 -8.26 19.17
N ALA A 28 -2.21 -9.03 18.22
CA ALA A 28 -2.42 -10.47 18.16
C ALA A 28 -1.96 -11.09 19.49
N GLU A 29 -0.77 -10.71 19.93
CA GLU A 29 -0.26 -11.32 21.15
C GLU A 29 -1.12 -10.97 22.38
N GLU A 30 -1.68 -9.77 22.41
CA GLU A 30 -2.53 -9.36 23.52
C GLU A 30 -3.73 -10.30 23.64
N ILE A 31 -4.21 -10.83 22.51
CA ILE A 31 -5.34 -11.73 22.52
C ILE A 31 -4.90 -13.20 22.41
N GLY A 32 -3.63 -13.49 22.66
CA GLY A 32 -3.17 -14.88 22.77
C GLY A 32 -2.90 -15.57 21.44
N ILE A 33 -2.74 -14.78 20.36
CA ILE A 33 -2.43 -15.31 19.03
C ILE A 33 -0.97 -14.98 18.69
N ASN A 34 -0.14 -16.00 18.54
CA ASN A 34 1.30 -15.79 18.47
C ASN A 34 1.86 -16.01 17.06
N GLY A 35 1.00 -16.27 16.08
CA GLY A 35 1.44 -16.64 14.72
C GLY A 35 1.71 -15.49 13.77
N VAL A 36 1.59 -14.23 14.22
CA VAL A 36 1.88 -13.10 13.36
C VAL A 36 3.39 -12.82 13.39
N ASP A 37 4.11 -13.57 12.55
CA ASP A 37 5.52 -13.34 12.32
C ASP A 37 5.68 -12.68 10.94
N ARG A 38 6.92 -12.43 10.54
CA ARG A 38 7.13 -11.70 9.30
C ARG A 38 6.60 -12.50 8.12
N GLN A 39 6.75 -13.82 8.14
CA GLN A 39 6.25 -14.63 7.02
C GLN A 39 4.72 -14.50 6.92
N PHE A 40 4.01 -14.66 8.03
CA PHE A 40 2.57 -14.54 8.01
C PHE A 40 2.17 -13.14 7.56
N ASN A 41 2.93 -12.14 8.01
CA ASN A 41 2.61 -10.75 7.71
C ASN A 41 2.61 -10.46 6.20
N GLU A 42 3.27 -11.28 5.37
CA GLU A 42 3.14 -11.08 3.92
C GLU A 42 1.66 -11.21 3.48
N GLN A 43 0.83 -11.96 4.21
CA GLN A 43 -0.58 -12.12 3.91
C GLN A 43 -1.41 -10.91 4.37
N LEU A 44 -0.83 -10.05 5.23
CA LEU A 44 -1.49 -8.87 5.78
C LEU A 44 -1.14 -7.59 5.00
N LYS A 45 0.02 -7.56 4.31
CA LYS A 45 0.40 -6.34 3.61
C LYS A 45 -0.65 -6.00 2.55
N GLY A 46 -1.04 -4.71 2.51
CA GLY A 46 -2.02 -4.22 1.55
C GLY A 46 -3.47 -4.48 1.92
N VAL A 47 -3.73 -5.25 2.98
CA VAL A 47 -5.08 -5.67 3.37
C VAL A 47 -5.67 -4.63 4.35
N SER A 48 -6.97 -4.36 4.19
CA SER A 48 -7.65 -3.37 5.05
C SER A 48 -7.52 -3.71 6.54
N LYS A 49 -7.81 -2.71 7.38
CA LYS A 49 -7.71 -2.88 8.83
C LYS A 49 -8.62 -4.05 9.27
N GLU A 50 -9.89 -4.04 8.84
CA GLU A 50 -10.82 -5.09 9.29
C GLU A 50 -10.44 -6.46 8.71
N ASP A 51 -10.01 -6.50 7.45
CA ASP A 51 -9.64 -7.78 6.87
C ASP A 51 -8.38 -8.31 7.55
N SER A 52 -7.47 -7.42 7.95
CA SER A 52 -6.24 -7.83 8.63
C SER A 52 -6.58 -8.49 9.96
N LEU A 53 -7.46 -7.82 10.74
CA LEU A 53 -7.87 -8.39 12.02
C LEU A 53 -8.52 -9.75 11.80
N GLN A 54 -9.40 -9.86 10.79
CA GLN A 54 -10.07 -11.13 10.56
C GLN A 54 -9.05 -12.22 10.18
N LYS A 55 -8.06 -11.90 9.34
CA LYS A 55 -7.06 -12.90 8.98
CA LYS A 55 -7.05 -12.89 8.98
C LYS A 55 -6.29 -13.37 10.23
N ILE A 56 -6.02 -12.45 11.16
CA ILE A 56 -5.33 -12.82 12.41
C ILE A 56 -6.22 -13.72 13.28
N LEU A 57 -7.49 -13.36 13.43
CA LEU A 57 -8.42 -14.21 14.18
C LEU A 57 -8.52 -15.62 13.55
N ASP A 58 -8.52 -15.67 12.21
CA ASP A 58 -8.68 -16.93 11.49
C ASP A 58 -7.50 -17.86 11.73
N LEU A 59 -6.33 -17.25 11.95
CA LEU A 59 -5.14 -17.98 12.07
C LEU A 59 -5.25 -18.92 13.28
N ALA A 60 -5.99 -18.46 14.30
CA ALA A 60 -6.20 -19.19 15.54
C ALA A 60 -7.58 -19.82 15.61
N ASP A 61 -8.31 -19.81 14.48
CA ASP A 61 -9.72 -20.16 14.45
C ASP A 61 -10.45 -19.51 15.65
N LYS A 62 -10.12 -18.25 15.95
CA LYS A 62 -10.71 -17.54 17.10
C LYS A 62 -11.93 -16.72 16.66
N LYS A 63 -12.97 -16.72 17.51
CA LYS A 63 -14.17 -15.89 17.35
CA LYS A 63 -14.16 -15.88 17.34
C LYS A 63 -14.28 -14.92 18.53
N VAL A 64 -14.57 -13.65 18.23
CA VAL A 64 -14.77 -12.63 19.22
C VAL A 64 -16.13 -12.00 18.93
N SER A 65 -16.68 -11.26 19.91
CA SER A 65 -17.93 -10.57 19.69
C SER A 65 -17.73 -9.40 18.71
N ALA A 66 -18.84 -8.92 18.14
CA ALA A 66 -18.80 -7.78 17.27
C ALA A 66 -18.25 -6.55 18.01
N GLU A 67 -18.64 -6.39 19.28
CA GLU A 67 -18.13 -5.28 20.09
C GLU A 67 -16.62 -5.42 20.27
N GLU A 68 -16.13 -6.63 20.55
CA GLU A 68 -14.70 -6.84 20.76
CA GLU A 68 -14.70 -6.86 20.75
C GLU A 68 -13.93 -6.59 19.46
N PHE A 69 -14.51 -7.04 18.34
CA PHE A 69 -13.84 -6.84 17.05
C PHE A 69 -13.59 -5.35 16.81
N LYS A 70 -14.62 -4.55 17.03
CA LYS A 70 -14.54 -3.10 16.85
CA LYS A 70 -14.50 -3.11 16.82
C LYS A 70 -13.47 -2.51 17.78
N GLU A 71 -13.48 -2.94 19.04
CA GLU A 71 -12.53 -2.41 20.00
CA GLU A 71 -12.53 -2.45 20.03
C GLU A 71 -11.09 -2.80 19.61
N LEU A 72 -10.88 -4.03 19.15
CA LEU A 72 -9.53 -4.49 18.80
C LEU A 72 -8.99 -3.68 17.61
N ALA A 73 -9.84 -3.49 16.59
CA ALA A 73 -9.42 -2.71 15.45
C ALA A 73 -9.05 -1.27 15.86
N LYS A 74 -9.88 -0.68 16.73
CA LYS A 74 -9.61 0.66 17.24
C LYS A 74 -8.31 0.72 18.05
N ARG A 75 -8.08 -0.31 18.89
CA ARG A 75 -6.87 -0.38 19.71
CA ARG A 75 -6.87 -0.36 19.71
C ARG A 75 -5.64 -0.39 18.81
N LYS A 76 -5.67 -1.23 17.78
CA LYS A 76 -4.52 -1.28 16.88
C LYS A 76 -4.34 0.06 16.17
N ASN A 77 -5.45 0.67 15.71
CA ASN A 77 -5.32 1.96 15.03
C ASN A 77 -4.76 3.04 15.94
N ASP A 78 -5.25 3.08 17.17
CA ASP A 78 -4.79 4.12 18.09
C ASP A 78 -3.29 4.00 18.33
N ASN A 79 -2.80 2.75 18.46
CA ASN A 79 -1.39 2.49 18.64
C ASN A 79 -0.60 2.93 17.39
N TYR A 80 -1.05 2.45 16.22
CA TYR A 80 -0.37 2.78 14.97
C TYR A 80 -0.31 4.30 14.75
N VAL A 81 -1.43 4.99 15.01
CA VAL A 81 -1.47 6.43 14.84
C VAL A 81 -0.47 7.11 15.77
N LYS A 82 -0.32 6.61 17.02
CA LYS A 82 0.74 7.16 17.88
C LYS A 82 2.14 6.88 17.34
N MET A 83 2.30 5.65 16.80
CA MET A 83 3.68 5.34 16.22
C MET A 83 4.11 6.26 15.10
N ILE A 84 3.16 6.73 14.30
CA ILE A 84 3.52 7.48 13.08
C ILE A 84 3.57 9.00 13.31
N GLN A 85 3.32 9.50 14.53
CA GLN A 85 3.26 10.95 14.66
C GLN A 85 4.58 11.64 14.28
N ASP A 86 5.73 11.01 14.53
CA ASP A 86 7.02 11.64 14.27
C ASP A 86 7.56 11.34 12.87
N VAL A 87 6.80 10.66 12.01
CA VAL A 87 7.22 10.52 10.62
C VAL A 87 7.43 11.91 10.02
N SER A 88 8.45 12.03 9.18
CA SER A 88 8.82 13.32 8.61
C SER A 88 9.32 13.12 7.19
N PRO A 89 9.66 14.22 6.48
CA PRO A 89 10.23 14.06 5.13
C PRO A 89 11.49 13.20 5.12
N ALA A 90 12.22 13.14 6.23
CA ALA A 90 13.45 12.33 6.29
C ALA A 90 13.13 10.84 6.13
N ASP A 91 11.87 10.45 6.32
CA ASP A 91 11.47 9.06 6.25
C ASP A 91 11.04 8.63 4.84
N VAL A 92 10.96 9.56 3.89
CA VAL A 92 10.62 9.17 2.53
C VAL A 92 11.71 8.23 2.02
N TYR A 93 11.30 7.12 1.41
CA TYR A 93 12.24 6.13 0.92
C TYR A 93 13.09 6.70 -0.21
N PRO A 94 14.29 6.15 -0.39
CA PRO A 94 15.18 6.60 -1.45
C PRO A 94 14.49 6.51 -2.81
N GLY A 95 14.74 7.55 -3.61
CA GLY A 95 14.24 7.62 -4.96
C GLY A 95 12.84 8.16 -5.10
N ILE A 96 12.03 8.11 -4.05
CA ILE A 96 10.59 8.39 -4.20
C ILE A 96 10.36 9.89 -4.48
N LEU A 97 11.00 10.77 -3.71
CA LEU A 97 10.77 12.20 -3.93
C LEU A 97 11.21 12.60 -5.34
N GLN A 98 12.38 12.11 -5.75
CA GLN A 98 12.85 12.44 -7.09
C GLN A 98 11.90 11.93 -8.17
N LEU A 99 11.39 10.68 -7.98
CA LEU A 99 10.45 10.14 -8.93
C LEU A 99 9.23 11.03 -9.05
N LEU A 100 8.68 11.47 -7.91
CA LEU A 100 7.50 12.33 -7.96
C LEU A 100 7.79 13.59 -8.75
N LYS A 101 8.92 14.20 -8.48
CA LYS A 101 9.35 15.44 -9.21
C LYS A 101 9.46 15.16 -10.71
N ASP A 102 10.09 14.03 -11.06
CA ASP A 102 10.34 13.73 -12.46
C ASP A 102 9.02 13.41 -13.18
N LEU A 103 8.11 12.71 -12.51
CA LEU A 103 6.80 12.43 -13.10
C LEU A 103 6.06 13.73 -13.39
N ARG A 104 6.03 14.64 -12.41
CA ARG A 104 5.34 15.89 -12.67
CA ARG A 104 5.39 15.95 -12.58
C ARG A 104 5.99 16.69 -13.78
N SER A 105 7.32 16.74 -13.84
CA SER A 105 7.97 17.47 -14.89
CA SER A 105 8.03 17.45 -14.91
C SER A 105 7.59 16.93 -16.28
N ASN A 106 7.31 15.63 -16.36
CA ASN A 106 6.97 14.94 -17.61
C ASN A 106 5.45 14.81 -17.82
N LYS A 107 4.67 15.49 -16.99
CA LYS A 107 3.20 15.58 -17.08
CA LYS A 107 3.21 15.57 -17.17
C LYS A 107 2.58 14.19 -16.99
N ILE A 108 3.16 13.38 -16.13
CA ILE A 108 2.61 12.05 -15.82
C ILE A 108 1.82 12.17 -14.51
N LYS A 109 0.56 11.75 -14.52
CA LYS A 109 -0.29 11.90 -13.35
CA LYS A 109 -0.31 11.88 -13.36
C LYS A 109 0.20 10.98 -12.22
N ILE A 110 -0.07 11.43 -10.99
CA ILE A 110 0.33 10.75 -9.77
C ILE A 110 -0.91 10.56 -8.90
N ALA A 111 -1.19 9.30 -8.56
CA ALA A 111 -2.32 9.02 -7.70
C ALA A 111 -1.94 8.04 -6.59
N LEU A 112 -2.59 8.22 -5.42
CA LEU A 112 -2.39 7.27 -4.32
C LEU A 112 -3.45 6.19 -4.38
N ALA A 113 -2.99 4.93 -4.28
CA ALA A 113 -3.83 3.75 -4.24
C ALA A 113 -3.44 2.93 -3.00
N SER A 114 -3.49 3.58 -1.85
CA SER A 114 -3.28 2.97 -0.54
C SER A 114 -4.59 2.45 0.06
N ALA A 115 -4.53 1.30 0.72
CA ALA A 115 -5.64 0.83 1.52
C ALA A 115 -5.76 1.62 2.84
N SER A 116 -4.75 2.43 3.17
CA SER A 116 -4.72 3.00 4.52
C SER A 116 -5.56 4.27 4.64
N LYS A 117 -6.45 4.30 5.64
CA LYS A 117 -7.18 5.51 5.95
C LYS A 117 -6.26 6.58 6.56
N ASN A 118 -5.07 6.17 7.03
CA ASN A 118 -4.06 7.07 7.54
C ASN A 118 -3.15 7.61 6.43
N GLY A 119 -3.45 7.30 5.15
CA GLY A 119 -2.61 7.70 4.05
C GLY A 119 -2.47 9.22 3.93
N PRO A 120 -3.59 9.98 3.92
CA PRO A 120 -3.48 11.44 3.77
C PRO A 120 -2.60 12.06 4.87
N PHE A 121 -2.79 11.61 6.10
CA PHE A 121 -2.02 12.13 7.20
C PHE A 121 -0.53 11.88 6.95
N LEU A 122 -0.18 10.66 6.51
CA LEU A 122 1.24 10.34 6.26
C LEU A 122 1.82 11.18 5.12
N LEU A 123 1.06 11.40 4.05
CA LEU A 123 1.60 12.24 2.98
C LEU A 123 1.86 13.66 3.50
N GLU A 124 0.97 14.16 4.38
CA GLU A 124 1.20 15.46 5.01
C GLU A 124 2.47 15.44 5.89
N ARG A 125 2.65 14.39 6.70
CA ARG A 125 3.84 14.30 7.53
C ARG A 125 5.12 14.36 6.69
N MET A 126 5.09 13.77 5.50
CA MET A 126 6.25 13.67 4.65
C MET A 126 6.36 14.82 3.64
N ASN A 127 5.47 15.81 3.69
CA ASN A 127 5.46 16.94 2.74
C ASN A 127 5.37 16.42 1.30
N LEU A 128 4.47 15.45 1.09
CA LEU A 128 4.28 14.87 -0.25
C LEU A 128 2.92 15.20 -0.87
N THR A 129 1.99 15.76 -0.10
CA THR A 129 0.63 15.90 -0.61
C THR A 129 0.58 16.64 -1.96
N GLY A 130 1.38 17.69 -2.10
CA GLY A 130 1.35 18.53 -3.28
C GLY A 130 1.81 17.84 -4.53
N TYR A 131 2.44 16.66 -4.42
CA TYR A 131 2.83 15.92 -5.60
C TYR A 131 1.67 15.09 -6.16
N PHE A 132 0.66 14.82 -5.36
CA PHE A 132 -0.40 13.88 -5.76
C PHE A 132 -1.55 14.61 -6.45
N ASP A 133 -1.87 14.15 -7.65
CA ASP A 133 -3.02 14.66 -8.36
C ASP A 133 -4.33 14.14 -7.78
N ALA A 134 -4.30 12.93 -7.21
CA ALA A 134 -5.51 12.37 -6.57
C ALA A 134 -5.07 11.39 -5.48
N ILE A 135 -5.97 11.20 -4.52
CA ILE A 135 -5.88 10.15 -3.51
C ILE A 135 -7.18 9.36 -3.62
N ALA A 136 -7.09 8.08 -3.97
CA ALA A 136 -8.26 7.21 -3.98
C ALA A 136 -8.59 6.89 -2.53
N ASP A 137 -9.81 7.22 -2.10
CA ASP A 137 -10.21 7.02 -0.72
C ASP A 137 -10.58 5.57 -0.51
N PRO A 138 -9.86 4.81 0.33
CA PRO A 138 -10.14 3.39 0.47
C PRO A 138 -11.49 3.10 1.17
N ALA A 139 -12.08 4.13 1.80
CA ALA A 139 -13.37 3.96 2.44
C ALA A 139 -14.48 3.96 1.38
N GLU A 140 -14.19 4.45 0.16
CA GLU A 140 -15.19 4.64 -0.88
C GLU A 140 -15.25 3.48 -1.87
N VAL A 141 -14.29 2.55 -1.80
CA VAL A 141 -14.36 1.44 -2.78
C VAL A 141 -15.27 0.35 -2.21
N ALA A 142 -15.98 -0.36 -3.10
CA ALA A 142 -16.89 -1.41 -2.65
C ALA A 142 -16.09 -2.64 -2.21
N ALA A 143 -14.86 -2.81 -2.74
CA ALA A 143 -14.01 -3.97 -2.45
C ALA A 143 -12.55 -3.54 -2.33
N SER A 144 -11.86 -4.06 -1.28
CA SER A 144 -10.50 -3.75 -0.89
C SER A 144 -9.49 -4.76 -1.52
N LYS A 145 -8.17 -4.45 -1.44
CA LYS A 145 -7.11 -5.33 -2.07
C LYS A 145 -7.25 -6.74 -1.49
N PRO A 146 -7.14 -7.80 -2.29
CA PRO A 146 -6.63 -7.84 -3.66
C PRO A 146 -7.60 -7.55 -4.80
N ALA A 147 -8.82 -7.11 -4.49
CA ALA A 147 -9.70 -6.59 -5.54
C ALA A 147 -9.04 -5.38 -6.17
N PRO A 148 -9.25 -5.17 -7.50
CA PRO A 148 -8.56 -4.10 -8.23
C PRO A 148 -9.14 -2.69 -8.04
N ASP A 149 -10.30 -2.60 -7.36
CA ASP A 149 -11.09 -1.38 -7.28
C ASP A 149 -10.25 -0.14 -6.93
N ILE A 150 -9.37 -0.22 -5.92
CA ILE A 150 -8.62 0.95 -5.46
CA ILE A 150 -8.68 0.99 -5.50
C ILE A 150 -7.70 1.48 -6.58
N PHE A 151 -7.11 0.56 -7.36
CA PHE A 151 -6.22 0.97 -8.47
C PHE A 151 -7.05 1.56 -9.61
N ILE A 152 -8.20 0.95 -9.91
CA ILE A 152 -9.07 1.48 -10.93
C ILE A 152 -9.52 2.89 -10.55
N ALA A 153 -9.93 3.08 -9.28
CA ALA A 153 -10.38 4.38 -8.82
C ALA A 153 -9.26 5.43 -8.94
N ALA A 154 -8.04 5.05 -8.54
CA ALA A 154 -6.92 5.97 -8.57
C ALA A 154 -6.68 6.45 -10.01
N ALA A 155 -6.68 5.51 -10.97
CA ALA A 155 -6.46 5.85 -12.38
C ALA A 155 -7.59 6.77 -12.88
N HIS A 156 -8.84 6.39 -12.58
CA HIS A 156 -9.98 7.16 -13.03
C HIS A 156 -9.97 8.58 -12.43
N ALA A 157 -9.51 8.71 -11.18
CA ALA A 157 -9.44 9.99 -10.49
C ALA A 157 -8.48 10.98 -11.16
N VAL A 158 -7.52 10.48 -11.95
CA VAL A 158 -6.59 11.34 -12.68
C VAL A 158 -6.86 11.31 -14.19
N GLY A 159 -8.01 10.75 -14.60
CA GLY A 159 -8.46 10.80 -15.98
C GLY A 159 -7.68 9.90 -16.93
N VAL A 160 -7.13 8.79 -16.39
CA VAL A 160 -6.29 7.87 -17.18
C VAL A 160 -6.87 6.45 -17.06
N ALA A 161 -6.76 5.67 -18.13
CA ALA A 161 -7.17 4.25 -18.08
C ALA A 161 -6.16 3.48 -17.27
N PRO A 162 -6.58 2.47 -16.47
CA PRO A 162 -5.62 1.57 -15.81
C PRO A 162 -4.59 1.00 -16.79
N SER A 163 -5.01 0.70 -18.03
CA SER A 163 -4.11 0.09 -19.02
C SER A 163 -3.01 1.08 -19.46
N GLU A 164 -3.16 2.36 -19.15
CA GLU A 164 -2.12 3.36 -19.43
C GLU A 164 -1.36 3.76 -18.16
N SER A 165 -1.37 2.89 -17.14
CA SER A 165 -0.84 3.21 -15.82
C SER A 165 0.15 2.14 -15.38
N ILE A 166 1.11 2.57 -14.57
CA ILE A 166 1.99 1.70 -13.79
C ILE A 166 1.51 1.74 -12.33
N GLY A 167 1.50 0.58 -11.65
CA GLY A 167 1.26 0.54 -10.23
C GLY A 167 2.50 0.04 -9.48
N LEU A 168 2.80 0.70 -8.37
CA LEU A 168 3.96 0.39 -7.56
C LEU A 168 3.47 -0.20 -6.23
N GLU A 169 3.97 -1.39 -5.87
CA GLU A 169 3.46 -2.15 -4.74
C GLU A 169 4.57 -2.94 -4.07
N ASP A 170 4.38 -3.18 -2.76
CA ASP A 170 5.25 -4.03 -1.97
C ASP A 170 4.57 -5.31 -1.50
N SER A 171 3.33 -5.58 -1.92
CA SER A 171 2.51 -6.64 -1.31
C SER A 171 1.96 -7.62 -2.33
N GLN A 172 1.75 -8.86 -1.87
CA GLN A 172 1.06 -9.88 -2.67
C GLN A 172 -0.34 -9.41 -3.05
N ALA A 173 -1.11 -8.96 -2.07
CA ALA A 173 -2.50 -8.56 -2.34
C ALA A 173 -2.53 -7.39 -3.33
N GLY A 174 -1.63 -6.44 -3.17
CA GLY A 174 -1.59 -5.26 -4.02
C GLY A 174 -1.12 -5.55 -5.43
N ILE A 175 -0.15 -6.46 -5.58
CA ILE A 175 0.26 -6.88 -6.92
CA ILE A 175 0.27 -6.86 -6.93
C ILE A 175 -0.91 -7.52 -7.67
N GLN A 176 -1.67 -8.37 -6.97
CA GLN A 176 -2.84 -8.99 -7.59
C GLN A 176 -3.87 -7.92 -7.99
N ALA A 177 -4.08 -6.93 -7.12
CA ALA A 177 -5.01 -5.85 -7.41
C ALA A 177 -4.58 -5.09 -8.68
N ILE A 178 -3.28 -4.82 -8.80
CA ILE A 178 -2.79 -4.10 -10.00
C ILE A 178 -3.03 -4.96 -11.24
N LYS A 179 -2.64 -6.23 -11.15
CA LYS A 179 -2.84 -7.11 -12.29
C LYS A 179 -4.29 -7.08 -12.78
N ASP A 180 -5.23 -7.19 -11.84
CA ASP A 180 -6.61 -7.33 -12.20
C ASP A 180 -7.23 -5.98 -12.61
N SER A 181 -6.54 -4.86 -12.35
CA SER A 181 -6.98 -3.52 -12.78
C SER A 181 -6.70 -3.30 -14.28
N GLY A 182 -5.67 -3.98 -14.80
CA GLY A 182 -5.17 -3.74 -16.14
C GLY A 182 -3.92 -2.88 -16.19
N ALA A 183 -3.53 -2.28 -15.06
CA ALA A 183 -2.26 -1.52 -14.96
C ALA A 183 -1.08 -2.49 -14.93
N LEU A 184 0.13 -1.95 -15.12
CA LEU A 184 1.37 -2.73 -15.16
C LEU A 184 2.00 -2.66 -13.78
N PRO A 185 2.18 -3.81 -13.07
CA PRO A 185 2.79 -3.78 -11.74
C PRO A 185 4.32 -3.76 -11.80
N ILE A 186 4.93 -2.98 -10.92
CA ILE A 186 6.35 -3.14 -10.62
C ILE A 186 6.47 -3.23 -9.09
N GLY A 187 6.89 -4.40 -8.63
CA GLY A 187 6.93 -4.63 -7.18
C GLY A 187 8.27 -4.21 -6.60
N VAL A 188 8.29 -3.97 -5.29
CA VAL A 188 9.52 -3.73 -4.55
C VAL A 188 9.54 -4.71 -3.37
N GLY A 189 10.61 -5.51 -3.31
CA GLY A 189 10.77 -6.53 -2.30
C GLY A 189 11.46 -7.74 -2.88
N ARG A 190 11.16 -8.88 -2.29
CA ARG A 190 11.80 -10.15 -2.60
C ARG A 190 10.90 -10.97 -3.52
N PRO A 191 11.42 -11.57 -4.62
CA PRO A 191 10.61 -12.48 -5.45
C PRO A 191 10.03 -13.66 -4.65
N GLU A 192 10.74 -14.08 -3.60
CA GLU A 192 10.24 -15.17 -2.74
CA GLU A 192 10.28 -15.13 -2.68
C GLU A 192 8.91 -14.76 -2.08
N ASP A 193 8.68 -13.47 -1.89
CA ASP A 193 7.44 -12.96 -1.36
C ASP A 193 6.45 -12.55 -2.46
N LEU A 194 6.93 -11.91 -3.53
CA LEU A 194 6.00 -11.20 -4.43
C LEU A 194 5.82 -11.89 -5.77
N GLY A 195 6.64 -12.90 -6.03
CA GLY A 195 6.50 -13.71 -7.24
C GLY A 195 7.63 -13.45 -8.23
N ASP A 196 7.73 -14.36 -9.20
CA ASP A 196 8.79 -14.34 -10.21
C ASP A 196 8.24 -13.99 -11.59
N ASP A 197 6.98 -13.55 -11.66
CA ASP A 197 6.26 -13.39 -12.93
C ASP A 197 6.03 -11.92 -13.30
N ILE A 198 6.37 -10.98 -12.42
CA ILE A 198 6.35 -9.58 -12.76
C ILE A 198 7.73 -8.99 -12.48
N VAL A 199 7.91 -7.74 -12.91
CA VAL A 199 9.14 -7.02 -12.58
C VAL A 199 9.13 -6.64 -11.10
N ILE A 200 10.21 -7.04 -10.42
CA ILE A 200 10.42 -6.79 -9.01
C ILE A 200 11.79 -6.13 -8.87
N VAL A 201 11.84 -5.04 -8.11
CA VAL A 201 13.09 -4.36 -7.78
C VAL A 201 13.43 -4.58 -6.32
N PRO A 202 14.71 -4.59 -5.94
CA PRO A 202 15.05 -4.95 -4.56
C PRO A 202 14.85 -3.82 -3.55
N ASP A 203 14.79 -2.57 -4.02
CA ASP A 203 14.65 -1.42 -3.15
C ASP A 203 14.14 -0.26 -4.01
N THR A 204 13.60 0.76 -3.35
CA THR A 204 12.92 1.84 -4.04
C THR A 204 13.86 2.77 -4.83
N SER A 205 15.18 2.73 -4.60
CA SER A 205 16.10 3.53 -5.41
C SER A 205 15.97 3.16 -6.90
N HIS A 206 15.51 1.95 -7.20
CA HIS A 206 15.33 1.46 -8.55
C HIS A 206 14.12 2.09 -9.24
N TYR A 207 13.23 2.71 -8.48
CA TYR A 207 12.07 3.40 -9.03
C TYR A 207 12.46 4.78 -9.57
N THR A 208 13.16 4.80 -10.70
CA THR A 208 13.47 5.98 -11.44
C THR A 208 12.49 6.07 -12.62
N LEU A 209 12.24 7.30 -13.08
CA LEU A 209 11.47 7.46 -14.29
C LEU A 209 12.18 6.74 -15.43
N GLU A 210 13.53 6.79 -15.47
CA GLU A 210 14.31 6.08 -16.49
C GLU A 210 13.89 4.59 -16.49
N PHE A 211 13.87 3.96 -15.31
CA PHE A 211 13.57 2.51 -15.23
C PHE A 211 12.10 2.21 -15.56
N LEU A 212 11.17 3.05 -15.09
CA LEU A 212 9.77 2.83 -15.43
C LEU A 212 9.60 2.89 -16.95
N LYS A 213 10.34 3.79 -17.63
CA LYS A 213 10.36 3.81 -19.08
C LYS A 213 10.98 2.51 -19.63
N GLU A 214 12.14 2.09 -19.09
CA GLU A 214 12.87 0.87 -19.51
C GLU A 214 11.85 -0.29 -19.46
N VAL A 215 11.04 -0.37 -18.37
CA VAL A 215 10.06 -1.45 -18.17
C VAL A 215 8.85 -1.34 -19.11
N TRP A 216 8.30 -0.14 -19.24
CA TRP A 216 7.15 0.10 -20.09
C TRP A 216 7.45 -0.26 -21.55
N LEU A 217 8.66 0.08 -22.03
CA LEU A 217 9.03 -0.17 -23.43
C LEU A 217 9.00 -1.69 -23.71
N GLN A 218 9.06 -2.54 -22.68
CA GLN A 218 9.27 -3.98 -22.89
C GLN A 218 8.07 -4.85 -22.47
N LYS A 219 6.93 -4.26 -22.12
CA LYS A 219 5.83 -5.04 -21.48
C LYS A 219 5.17 -5.98 -22.51
C1 BG6 B . -2.27 -0.73 3.86
C2 BG6 B . -1.28 -1.53 4.67
O1 BG6 B . -1.64 0.31 3.14
O5 BG6 B . -3.17 -0.07 4.75
C3 BG6 B . -1.95 -2.52 5.59
O2 BG6 B . -0.45 -2.23 3.75
C4 BG6 B . -2.98 -1.80 6.44
O3 BG6 B . -0.92 -3.14 6.38
C5 BG6 B . -3.92 -1.03 5.51
O4 BG6 B . -3.68 -2.72 7.26
C6 BG6 B . -5.02 -0.31 6.27
O6 BG6 B . -4.44 0.72 7.05
P BG6 B . -5.34 1.64 8.00
O1P BG6 B . -5.66 0.87 9.26
O2P BG6 B . -6.59 1.99 7.22
O3P BG6 B . -4.41 2.77 8.23
MG MG C . 2.13 -1.60 0.90
F1 MGF D . 0.63 -0.76 1.81
MG MGF D . -0.78 0.25 1.15
F2 MGF D . -0.39 2.00 1.45
F3 MGF D . -2.33 -0.43 0.62
C1 EDO E . 7.35 -6.65 7.62
O1 EDO E . 8.18 -7.88 7.56
C2 EDO E . 7.99 -5.43 6.94
O2 EDO E . 8.41 -5.93 5.68
C1 EDO F . 5.36 -1.22 18.70
O1 EDO F . 5.31 0.19 18.98
C2 EDO F . 4.02 -1.90 18.51
O2 EDO F . 3.16 -1.77 19.68
NA NA G . 5.49 -10.67 25.45
#